data_7AUT
#
_entry.id   7AUT
#
_cell.length_a   61.785
_cell.length_b   61.785
_cell.length_c   96.184
_cell.angle_alpha   90.000
_cell.angle_beta   90.000
_cell.angle_gamma   120.000
#
_symmetry.space_group_name_H-M   'P 32 2 1'
#
loop_
_entity.id
_entity.type
_entity.pdbx_description
1 polymer 'Diphosphoinositol polyphosphate phosphohydrolase DDP1'
2 non-polymer 'MAGNESIUM ION'
3 non-polymer 'CHLORIDE ION'
4 water water
#
_entity_poly.entity_id   1
_entity_poly.type   'polypeptide(L)'
_entity_poly.pdbx_seq_one_letter_code
;GGSMGKTADNHGPVRSETAREGRENQVYSPVTGARLVAGCICLTPDKKQVLMITSSAHKKRWIVPAGGVEKDEPNYETTA
QRETWEEAGCIGKIVANLGTVEDMRPPKDWNKDIKQFENSRKDSEVAKHPPRTEFHFYELEIENLLDKFPECHKRHRKLY
SYTEAKQNLIDAKRPELLEALNRSAIIKDDK
;
_entity_poly.pdbx_strand_id   A
#
# COMPACT_ATOMS: atom_id res chain seq x y z
N GLU A 24 -3.60 0.17 -20.39
CA GLU A 24 -5.07 0.18 -20.76
C GLU A 24 -5.82 -0.97 -20.07
N ASN A 25 -5.13 -1.85 -19.34
CA ASN A 25 -5.76 -2.96 -18.59
C ASN A 25 -6.11 -2.49 -17.16
N GLN A 26 -5.79 -1.22 -16.84
CA GLN A 26 -6.00 -0.65 -15.48
C GLN A 26 -7.51 -0.48 -15.24
N VAL A 27 -7.92 -0.59 -13.98
CA VAL A 27 -9.35 -0.45 -13.57
C VAL A 27 -9.44 0.74 -12.62
N TYR A 28 -10.49 1.54 -12.81
CA TYR A 28 -10.75 2.79 -12.07
C TYR A 28 -12.12 2.71 -11.43
N SER A 29 -12.27 3.40 -10.31
CA SER A 29 -13.59 3.63 -9.67
C SER A 29 -14.49 4.32 -10.69
N PRO A 30 -15.70 3.78 -10.93
CA PRO A 30 -16.69 4.45 -11.78
C PRO A 30 -17.24 5.74 -11.14
N VAL A 31 -17.02 5.92 -9.85
CA VAL A 31 -17.53 7.11 -9.10
C VAL A 31 -16.45 8.19 -9.00
N THR A 32 -15.25 7.85 -8.51
CA THR A 32 -14.22 8.86 -8.17
C THR A 32 -13.16 8.97 -9.27
N GLY A 33 -13.04 7.97 -10.15
CA GLY A 33 -11.94 7.85 -11.12
C GLY A 33 -10.63 7.41 -10.49
N ALA A 34 -10.61 7.10 -9.20
CA ALA A 34 -9.42 6.61 -8.49
C ALA A 34 -8.95 5.30 -9.14
N ARG A 35 -7.64 5.12 -9.26
CA ARG A 35 -7.08 3.82 -9.70
C ARG A 35 -7.45 2.77 -8.65
N LEU A 36 -7.92 1.59 -9.06
CA LEU A 36 -8.19 0.50 -8.09
C LEU A 36 -6.93 -0.35 -7.95
N VAL A 37 -6.51 -0.58 -6.71
CA VAL A 37 -5.25 -1.26 -6.34
C VAL A 37 -5.56 -2.25 -5.23
N ALA A 38 -4.84 -3.36 -5.21
CA ALA A 38 -4.92 -4.29 -4.07
C ALA A 38 -3.51 -4.60 -3.65
N GLY A 39 -3.37 -5.00 -2.39
CA GLY A 39 -2.08 -5.48 -1.90
C GLY A 39 -2.23 -6.15 -0.58
N CYS A 40 -1.07 -6.46 0.02
CA CYS A 40 -0.99 -7.36 1.19
C CYS A 40 -0.10 -6.73 2.25
N ILE A 41 -0.61 -6.77 3.47
CA ILE A 41 0.22 -6.71 4.69
C ILE A 41 0.65 -8.14 4.98
N CYS A 42 1.89 -8.44 4.63
CA CYS A 42 2.47 -9.81 4.73
C CYS A 42 3.18 -9.94 6.07
N LEU A 43 2.61 -10.71 6.99
CA LEU A 43 3.16 -10.90 8.35
C LEU A 43 3.87 -12.24 8.50
N THR A 44 4.91 -12.25 9.29
CA THR A 44 5.55 -13.51 9.74
C THR A 44 4.50 -14.29 10.52
N PRO A 45 4.61 -15.62 10.55
CA PRO A 45 3.70 -16.43 11.36
C PRO A 45 3.59 -16.01 12.83
N ASP A 46 4.65 -15.46 13.43
CA ASP A 46 4.61 -15.01 14.85
C ASP A 46 4.01 -13.59 14.95
N LYS A 47 3.72 -12.96 13.81
CA LYS A 47 3.03 -11.64 13.71
C LYS A 47 3.93 -10.51 14.24
N LYS A 48 5.23 -10.75 14.37
CA LYS A 48 6.16 -9.71 14.90
C LYS A 48 6.68 -8.84 13.77
N GLN A 49 6.68 -9.31 12.52
CA GLN A 49 7.28 -8.51 11.44
C GLN A 49 6.37 -8.47 10.23
N VAL A 50 6.55 -7.42 9.45
CA VAL A 50 5.87 -7.19 8.16
C VAL A 50 6.91 -7.06 7.05
N LEU A 51 6.60 -7.61 5.89
CA LEU A 51 7.46 -7.54 4.70
C LEU A 51 7.26 -6.22 3.99
N MET A 52 8.34 -5.49 3.81
CA MET A 52 8.31 -4.21 3.07
C MET A 52 9.21 -4.33 1.84
N ILE A 53 8.91 -3.51 0.85
CA ILE A 53 9.67 -3.45 -0.42
C ILE A 53 10.11 -2.01 -0.69
N THR A 54 11.18 -1.86 -1.45
CA THR A 54 11.59 -0.53 -1.86
C THR A 54 10.75 -0.11 -3.05
N SER A 55 10.48 1.19 -3.11
N SER A 55 10.48 1.19 -3.12
CA SER A 55 9.82 1.87 -4.25
CA SER A 55 9.81 1.84 -4.26
C SER A 55 10.72 1.79 -5.48
C SER A 55 10.74 1.77 -5.48
N SER A 56 10.15 1.58 -6.67
CA SER A 56 10.89 1.53 -7.96
C SER A 56 11.57 2.88 -8.24
N ALA A 57 10.82 3.97 -8.07
CA ALA A 57 11.29 5.37 -8.26
C ALA A 57 12.33 5.73 -7.18
N HIS A 58 12.09 5.33 -5.93
CA HIS A 58 12.89 5.75 -4.74
C HIS A 58 13.41 4.55 -3.96
N LYS A 59 14.68 4.24 -4.19
CA LYS A 59 15.38 3.04 -3.69
C LYS A 59 15.43 3.00 -2.16
N LYS A 60 15.31 4.14 -1.49
CA LYS A 60 15.51 4.22 -0.01
C LYS A 60 14.17 4.34 0.71
N ARG A 61 13.05 4.44 -0.02
CA ARG A 61 11.67 4.51 0.54
C ARG A 61 11.11 3.09 0.61
N TRP A 62 10.68 2.64 1.80
CA TRP A 62 10.13 1.30 2.05
C TRP A 62 8.62 1.39 2.17
N ILE A 63 7.90 0.59 1.39
CA ILE A 63 6.42 0.56 1.36
C ILE A 63 6.01 -0.91 1.42
N VAL A 64 4.75 -1.23 1.13
CA VAL A 64 4.27 -2.64 1.14
C VAL A 64 3.80 -2.98 -0.27
N PRO A 65 3.73 -4.29 -0.59
CA PRO A 65 3.32 -4.72 -1.92
C PRO A 65 1.85 -4.40 -2.23
N ALA A 66 1.62 -3.79 -3.38
CA ALA A 66 0.30 -3.44 -3.88
C ALA A 66 0.46 -2.98 -5.31
N GLY A 67 -0.55 -3.19 -6.13
CA GLY A 67 -0.56 -2.65 -7.49
C GLY A 67 -1.92 -2.74 -8.13
N GLY A 68 -2.00 -2.21 -9.34
CA GLY A 68 -3.26 -2.04 -10.08
C GLY A 68 -3.96 -3.34 -10.35
N VAL A 69 -5.24 -3.37 -10.01
CA VAL A 69 -6.17 -4.39 -10.54
C VAL A 69 -6.14 -4.31 -12.08
N GLU A 70 -6.10 -5.47 -12.73
CA GLU A 70 -6.18 -5.58 -14.21
C GLU A 70 -7.58 -6.06 -14.61
N LYS A 71 -8.01 -5.71 -15.83
CA LYS A 71 -9.41 -5.89 -16.31
C LYS A 71 -9.86 -7.35 -16.22
N ASP A 72 -8.98 -8.33 -16.39
CA ASP A 72 -9.42 -9.76 -16.43
C ASP A 72 -9.51 -10.36 -15.02
N GLU A 73 -9.15 -9.62 -13.97
CA GLU A 73 -8.98 -10.24 -12.63
C GLU A 73 -10.33 -10.32 -11.92
N PRO A 74 -10.69 -11.50 -11.37
CA PRO A 74 -12.02 -11.71 -10.83
C PRO A 74 -12.31 -11.12 -9.45
N ASN A 75 -11.28 -10.78 -8.68
CA ASN A 75 -11.47 -10.30 -7.28
C ASN A 75 -10.19 -9.61 -6.83
N TYR A 76 -10.26 -8.87 -5.73
CA TYR A 76 -9.11 -8.11 -5.23
C TYR A 76 -8.05 -9.03 -4.63
N GLU A 77 -8.45 -10.18 -4.06
CA GLU A 77 -7.50 -11.14 -3.49
C GLU A 77 -6.53 -11.59 -4.58
N THR A 78 -7.03 -11.84 -5.79
CA THR A 78 -6.19 -12.26 -6.93
C THR A 78 -5.12 -11.20 -7.21
N THR A 79 -5.53 -9.95 -7.32
CA THR A 79 -4.59 -8.83 -7.59
C THR A 79 -3.57 -8.77 -6.45
N ALA A 80 -4.04 -8.84 -5.20
CA ALA A 80 -3.20 -8.71 -4.00
C ALA A 80 -2.10 -9.77 -4.02
N GLN A 81 -2.46 -11.03 -4.26
CA GLN A 81 -1.48 -12.15 -4.23
C GLN A 81 -0.57 -12.08 -5.46
N ARG A 82 -1.09 -11.63 -6.60
CA ARG A 82 -0.24 -11.47 -7.81
C ARG A 82 0.83 -10.40 -7.56
N GLU A 83 0.42 -9.25 -7.05
CA GLU A 83 1.34 -8.11 -6.83
C GLU A 83 2.35 -8.47 -5.74
N THR A 84 1.95 -9.24 -4.71
CA THR A 84 2.85 -9.69 -3.63
C THR A 84 3.91 -10.65 -4.20
N TRP A 85 3.53 -11.47 -5.17
CA TRP A 85 4.51 -12.32 -5.86
C TRP A 85 5.42 -11.41 -6.72
N GLU A 86 4.84 -10.63 -7.62
CA GLU A 86 5.58 -9.82 -8.61
C GLU A 86 6.60 -8.92 -7.91
N GLU A 87 6.18 -8.23 -6.86
CA GLU A 87 6.96 -7.13 -6.24
C GLU A 87 7.87 -7.64 -5.12
N ALA A 88 7.53 -8.74 -4.42
CA ALA A 88 8.24 -9.14 -3.18
C ALA A 88 8.69 -10.61 -3.17
N GLY A 89 8.30 -11.43 -4.15
CA GLY A 89 8.61 -12.87 -4.18
C GLY A 89 8.07 -13.57 -2.95
N CYS A 90 6.90 -13.13 -2.50
CA CYS A 90 6.25 -13.64 -1.28
C CYS A 90 5.03 -14.48 -1.67
N ILE A 91 4.95 -15.67 -1.10
CA ILE A 91 3.76 -16.55 -1.23
C ILE A 91 3.18 -16.75 0.16
N GLY A 92 1.87 -16.71 0.30
CA GLY A 92 1.28 -17.10 1.59
C GLY A 92 -0.23 -17.21 1.53
N LYS A 93 -0.84 -17.24 2.70
CA LYS A 93 -2.29 -17.47 2.87
C LYS A 93 -2.94 -16.15 3.26
N ILE A 94 -3.99 -15.75 2.57
CA ILE A 94 -4.80 -14.60 3.03
C ILE A 94 -5.58 -15.03 4.28
N VAL A 95 -5.44 -14.29 5.38
CA VAL A 95 -6.05 -14.64 6.68
C VAL A 95 -7.02 -13.55 7.14
N ALA A 96 -7.01 -12.37 6.53
CA ALA A 96 -7.95 -11.29 6.91
C ALA A 96 -8.12 -10.30 5.76
N ASN A 97 -9.31 -9.74 5.68
CA ASN A 97 -9.66 -8.62 4.79
C ASN A 97 -9.51 -7.35 5.61
N LEU A 98 -8.56 -6.50 5.25
CA LEU A 98 -8.26 -5.28 6.04
C LEU A 98 -9.04 -4.10 5.47
N GLY A 99 -9.93 -4.31 4.51
CA GLY A 99 -10.77 -3.23 3.99
C GLY A 99 -10.01 -2.29 3.11
N THR A 100 -10.49 -1.06 3.01
CA THR A 100 -9.97 -0.09 2.02
C THR A 100 -9.29 1.08 2.71
N VAL A 101 -8.30 1.63 2.02
CA VAL A 101 -7.68 2.93 2.38
C VAL A 101 -7.53 3.70 1.09
N GLU A 102 -7.27 4.99 1.17
CA GLU A 102 -7.20 5.85 -0.03
C GLU A 102 -5.91 6.65 0.00
N ASP A 103 -5.24 6.74 -1.14
CA ASP A 103 -4.17 7.74 -1.35
C ASP A 103 -4.87 9.08 -1.57
N MET A 104 -4.79 9.97 -0.58
CA MET A 104 -5.47 11.29 -0.60
C MET A 104 -4.45 12.39 -0.91
N ARG A 105 -3.27 12.04 -1.45
CA ARG A 105 -2.30 13.07 -1.91
C ARG A 105 -2.99 13.93 -2.96
N PRO A 106 -2.91 15.28 -2.82
CA PRO A 106 -3.55 16.18 -3.77
C PRO A 106 -2.97 15.97 -5.17
N PRO A 107 -3.71 16.38 -6.23
CA PRO A 107 -3.20 16.26 -7.61
C PRO A 107 -1.86 16.97 -7.84
N LYS A 108 -1.25 16.71 -9.00
CA LYS A 108 0.08 17.21 -9.43
C LYS A 108 0.10 18.75 -9.42
N ASP A 109 -0.97 19.40 -9.89
CA ASP A 109 -1.05 20.87 -10.09
C ASP A 109 -1.16 21.61 -8.74
N TRP A 110 -1.55 20.90 -7.68
CA TRP A 110 -2.04 21.44 -6.38
C TRP A 110 -1.19 22.62 -5.89
N ASN A 111 0.12 22.42 -5.69
CA ASN A 111 1.00 23.35 -4.93
C ASN A 111 1.22 24.66 -5.69
N LYS A 112 0.75 24.76 -6.95
CA LYS A 112 0.86 25.98 -7.80
C LYS A 112 -0.51 26.64 -7.98
N ASP A 113 -1.57 26.10 -7.35
CA ASP A 113 -2.98 26.58 -7.48
C ASP A 113 -3.29 27.59 -6.36
N ILE A 114 -4.34 28.39 -6.57
CA ILE A 114 -4.63 29.64 -5.79
C ILE A 114 -5.25 29.28 -4.43
N LYS A 115 -6.18 28.33 -4.37
CA LYS A 115 -6.84 27.89 -3.11
C LYS A 115 -6.51 26.43 -2.82
N GLN A 116 -5.52 26.19 -1.96
CA GLN A 116 -4.97 24.86 -1.65
C GLN A 116 -5.60 24.29 -0.38
N PHE A 117 -6.19 25.16 0.46
CA PHE A 117 -6.67 24.78 1.81
C PHE A 117 -8.08 25.33 2.05
N GLU A 118 -8.87 24.56 2.78
CA GLU A 118 -10.25 24.92 3.23
C GLU A 118 -10.22 24.96 4.75
N ASN A 119 -10.39 26.15 5.34
CA ASN A 119 -10.22 26.34 6.81
C ASN A 119 -11.58 26.61 7.44
N SER A 120 -11.80 26.02 8.61
CA SER A 120 -12.96 26.27 9.50
C SER A 120 -12.42 26.79 10.83
N ARG A 121 -13.30 26.95 11.83
CA ARG A 121 -13.01 27.66 13.10
C ARG A 121 -11.77 27.08 13.79
N LYS A 122 -11.64 25.75 13.84
CA LYS A 122 -10.61 25.05 14.66
C LYS A 122 -9.95 23.95 13.83
N ASP A 123 -9.87 24.12 12.51
CA ASP A 123 -9.30 23.04 11.65
C ASP A 123 -8.92 23.57 10.27
N SER A 124 -7.90 22.96 9.67
CA SER A 124 -7.52 23.20 8.26
C SER A 124 -7.49 21.86 7.54
N GLU A 125 -7.85 21.90 6.27
CA GLU A 125 -7.89 20.74 5.36
C GLU A 125 -7.29 21.16 4.02
N VAL A 126 -6.73 20.20 3.29
CA VAL A 126 -6.42 20.39 1.85
C VAL A 126 -7.76 20.58 1.13
N ALA A 127 -7.79 21.42 0.10
CA ALA A 127 -8.97 21.67 -0.76
C ALA A 127 -9.50 20.32 -1.26
N LYS A 128 -10.83 20.18 -1.29
CA LYS A 128 -11.55 18.94 -1.68
C LYS A 128 -11.01 18.44 -3.02
N HIS A 129 -10.74 17.14 -3.11
CA HIS A 129 -10.29 16.45 -4.35
C HIS A 129 -10.59 14.97 -4.20
N PRO A 130 -10.79 14.26 -5.32
CA PRO A 130 -10.98 12.81 -5.27
C PRO A 130 -9.66 12.12 -4.90
N PRO A 131 -9.73 10.89 -4.37
CA PRO A 131 -8.52 10.13 -4.11
C PRO A 131 -7.83 9.78 -5.44
N ARG A 132 -6.50 9.65 -5.39
N ARG A 132 -6.51 9.63 -5.40
CA ARG A 132 -5.67 9.17 -6.52
CA ARG A 132 -5.71 9.17 -6.56
C ARG A 132 -5.94 7.69 -6.70
C ARG A 132 -5.92 7.67 -6.70
N THR A 133 -6.02 6.97 -5.58
CA THR A 133 -6.00 5.49 -5.54
C THR A 133 -6.89 4.99 -4.42
N GLU A 134 -7.64 3.93 -4.68
CA GLU A 134 -8.42 3.18 -3.66
C GLU A 134 -7.75 1.82 -3.51
N PHE A 135 -7.20 1.55 -2.33
CA PHE A 135 -6.48 0.31 -2.01
C PHE A 135 -7.39 -0.65 -1.27
N HIS A 136 -7.39 -1.91 -1.73
CA HIS A 136 -8.05 -3.03 -1.05
C HIS A 136 -6.93 -3.88 -0.49
N PHE A 137 -6.81 -3.91 0.83
CA PHE A 137 -5.73 -4.62 1.55
C PHE A 137 -6.24 -5.89 2.20
N TYR A 138 -5.36 -6.91 2.14
CA TYR A 138 -5.52 -8.21 2.81
C TYR A 138 -4.31 -8.42 3.70
N GLU A 139 -4.50 -9.13 4.82
CA GLU A 139 -3.40 -9.62 5.65
C GLU A 139 -3.03 -11.00 5.13
N LEU A 140 -1.76 -11.23 4.93
CA LEU A 140 -1.23 -12.52 4.43
C LEU A 140 -0.31 -13.08 5.50
N GLU A 141 -0.36 -14.38 5.74
CA GLU A 141 0.62 -15.08 6.58
C GLU A 141 1.69 -15.65 5.64
N ILE A 142 2.93 -15.22 5.80
CA ILE A 142 4.03 -15.58 4.88
C ILE A 142 4.25 -17.09 5.00
N GLU A 143 4.26 -17.79 3.85
CA GLU A 143 4.60 -19.22 3.81
C GLU A 143 5.95 -19.43 3.13
N ASN A 144 6.35 -18.56 2.22
CA ASN A 144 7.70 -18.65 1.61
C ASN A 144 8.12 -17.31 1.00
N LEU A 145 9.42 -17.10 0.94
CA LEU A 145 10.07 -15.97 0.26
C LEU A 145 11.02 -16.59 -0.77
N LEU A 146 10.89 -16.18 -2.02
CA LEU A 146 11.69 -16.76 -3.13
C LEU A 146 12.74 -15.75 -3.58
N ASP A 147 13.92 -16.23 -4.00
CA ASP A 147 15.05 -15.34 -4.39
C ASP A 147 14.86 -14.85 -5.81
N LYS A 148 14.22 -15.63 -6.67
CA LYS A 148 13.91 -15.22 -8.05
C LYS A 148 12.42 -14.87 -8.10
N PHE A 149 12.12 -13.61 -8.40
CA PHE A 149 10.75 -13.12 -8.63
C PHE A 149 10.78 -11.95 -9.61
N PRO A 150 9.65 -11.59 -10.24
CA PRO A 150 9.69 -10.71 -11.41
C PRO A 150 10.47 -9.42 -11.17
N GLU A 151 10.24 -8.77 -10.03
CA GLU A 151 10.88 -7.46 -9.77
C GLU A 151 12.13 -7.58 -8.87
N CYS A 152 12.78 -8.73 -8.79
CA CYS A 152 13.86 -9.01 -7.80
C CYS A 152 15.13 -8.19 -8.10
N HIS A 153 15.27 -7.64 -9.30
CA HIS A 153 16.44 -6.80 -9.71
C HIS A 153 16.07 -5.31 -9.66
N LYS A 154 14.80 -4.98 -9.39
CA LYS A 154 14.27 -3.59 -9.35
C LYS A 154 13.99 -3.16 -7.91
N ARG A 155 13.83 -4.11 -6.99
CA ARG A 155 13.39 -3.84 -5.59
C ARG A 155 14.15 -4.71 -4.58
N HIS A 156 14.24 -4.21 -3.35
CA HIS A 156 14.64 -4.97 -2.14
C HIS A 156 13.36 -5.32 -1.37
N ARG A 157 13.38 -6.43 -0.62
CA ARG A 157 12.23 -6.93 0.19
C ARG A 157 12.81 -7.40 1.53
N LYS A 158 12.33 -6.82 2.62
CA LYS A 158 12.93 -7.03 3.95
C LYS A 158 11.83 -6.94 5.01
N LEU A 159 12.00 -7.75 6.07
CA LEU A 159 11.07 -7.78 7.22
C LEU A 159 11.45 -6.66 8.19
N TYR A 160 10.42 -6.04 8.74
CA TYR A 160 10.57 -4.96 9.77
C TYR A 160 9.60 -5.21 10.90
N SER A 161 10.02 -4.89 12.11
CA SER A 161 9.14 -4.83 13.30
C SER A 161 8.10 -3.73 13.06
N TYR A 162 7.07 -3.70 13.89
CA TYR A 162 6.00 -2.66 13.78
C TYR A 162 6.61 -1.26 13.92
N THR A 163 7.43 -1.00 14.94
CA THR A 163 8.04 0.33 15.17
C THR A 163 8.84 0.77 13.94
N GLU A 164 9.67 -0.13 13.39
CA GLU A 164 10.51 0.17 12.21
C GLU A 164 9.58 0.45 11.00
N ALA A 165 8.58 -0.41 10.78
CA ALA A 165 7.69 -0.32 9.61
C ALA A 165 6.93 0.99 9.65
N LYS A 166 6.46 1.40 10.82
CA LYS A 166 5.70 2.65 11.02
C LYS A 166 6.61 3.84 10.63
N GLN A 167 7.84 3.85 11.13
CA GLN A 167 8.80 4.92 10.74
C GLN A 167 9.06 4.88 9.24
N ASN A 168 9.19 3.69 8.64
CA ASN A 168 9.42 3.62 7.19
C ASN A 168 8.27 4.30 6.46
N LEU A 169 7.02 3.98 6.83
CA LEU A 169 5.86 4.48 6.06
C LEU A 169 5.72 6.00 6.26
N ILE A 170 6.06 6.54 7.43
CA ILE A 170 6.07 8.02 7.62
C ILE A 170 7.19 8.64 6.76
N ASP A 171 8.38 8.07 6.79
CA ASP A 171 9.50 8.50 5.93
C ASP A 171 9.06 8.46 4.46
N ALA A 172 8.35 7.40 4.05
CA ALA A 172 7.87 7.26 2.66
C ALA A 172 6.69 8.20 2.34
N LYS A 173 6.13 8.92 3.33
CA LYS A 173 5.00 9.87 3.12
C LYS A 173 3.76 9.10 2.61
N ARG A 174 3.48 7.95 3.21
CA ARG A 174 2.38 7.04 2.79
C ARG A 174 1.55 6.68 4.02
N PRO A 175 0.87 7.66 4.62
CA PRO A 175 0.09 7.38 5.82
C PRO A 175 -1.06 6.37 5.61
N GLU A 176 -1.60 6.30 4.40
CA GLU A 176 -2.66 5.31 4.05
C GLU A 176 -2.11 3.89 4.19
N LEU A 177 -0.84 3.68 3.87
CA LEU A 177 -0.26 2.33 4.02
C LEU A 177 -0.11 2.02 5.50
N LEU A 178 0.25 3.03 6.31
CA LEU A 178 0.33 2.85 7.78
C LEU A 178 -1.07 2.55 8.35
N GLU A 179 -2.10 3.17 7.82
CA GLU A 179 -3.49 2.93 8.23
C GLU A 179 -3.83 1.44 8.01
N ALA A 180 -3.46 0.89 6.85
CA ALA A 180 -3.67 -0.53 6.53
C ALA A 180 -2.88 -1.42 7.50
N LEU A 181 -1.60 -1.10 7.73
CA LEU A 181 -0.75 -1.88 8.65
C LEU A 181 -1.38 -1.90 10.04
N ASN A 182 -1.90 -0.77 10.49
CA ASN A 182 -2.47 -0.67 11.86
C ASN A 182 -3.73 -1.53 12.04
N ARG A 183 -4.40 -1.88 10.94
CA ARG A 183 -5.61 -2.74 11.01
C ARG A 183 -5.22 -4.22 11.11
N SER A 184 -3.98 -4.54 10.74
CA SER A 184 -3.48 -5.94 10.74
C SER A 184 -3.26 -6.41 12.18
N ALA A 185 -2.97 -7.69 12.33
CA ALA A 185 -2.71 -8.35 13.62
C ALA A 185 -1.24 -8.19 14.01
N ILE A 186 -0.45 -7.33 13.36
CA ILE A 186 0.99 -7.16 13.70
C ILE A 186 1.07 -6.81 15.20
N ILE A 187 2.03 -7.41 15.89
CA ILE A 187 2.29 -7.10 17.33
C ILE A 187 2.89 -5.69 17.41
N LYS A 188 2.19 -4.76 18.07
CA LYS A 188 2.60 -3.33 18.06
C LYS A 188 3.56 -3.05 19.22
N ASP A 189 3.40 -3.70 20.37
CA ASP A 189 4.28 -3.40 21.53
C ASP A 189 5.59 -4.18 21.33
N ASP A 190 6.52 -3.59 20.59
CA ASP A 190 7.89 -4.15 20.34
C ASP A 190 8.71 -4.03 21.63
#